data_2IMU
#
_entry.id   2IMU
#
_entity_poly.entity_id   1
_entity_poly.type   'polypeptide(L)'
_entity_poly.pdbx_seq_one_letter_code
;FGFKDIIRAIRRIAVPVVSTLFPPAAPLAHAIGEGVDYLLGDEAQA
;
_entity_poly.pdbx_strand_id   A
#
# COMPACT_ATOMS: atom_id res chain seq x y z
N PHE A 1 -1.37 -5.87 28.92
CA PHE A 1 -1.67 -5.89 27.47
C PHE A 1 -3.07 -5.35 27.26
N GLY A 2 -3.50 -5.20 26.04
CA GLY A 2 -4.86 -4.68 25.79
C GLY A 2 -4.79 -3.59 24.72
N PHE A 3 -4.47 -2.40 25.12
CA PHE A 3 -4.38 -1.29 24.13
C PHE A 3 -3.38 -1.66 23.04
N LYS A 4 -2.17 -1.95 23.40
CA LYS A 4 -1.15 -2.33 22.37
C LYS A 4 -1.65 -3.53 21.57
N ASP A 5 -2.49 -4.34 22.14
CA ASP A 5 -2.99 -5.51 21.38
C ASP A 5 -4.04 -5.05 20.40
N ILE A 6 -4.90 -4.17 20.82
CA ILE A 6 -5.92 -3.65 19.88
C ILE A 6 -5.20 -2.86 18.79
N ILE A 7 -4.25 -2.06 19.19
CA ILE A 7 -3.50 -1.28 18.18
C ILE A 7 -2.89 -2.24 17.16
N ARG A 8 -2.36 -3.35 17.63
CA ARG A 8 -1.78 -4.33 16.68
C ARG A 8 -2.88 -4.79 15.72
N ALA A 9 -4.03 -5.09 16.24
CA ALA A 9 -5.14 -5.52 15.35
C ALA A 9 -5.45 -4.41 14.36
N ILE A 10 -5.53 -3.21 14.84
CA ILE A 10 -5.83 -2.07 13.94
C ILE A 10 -4.69 -1.95 12.92
N ARG A 11 -3.49 -2.10 13.36
CA ARG A 11 -2.34 -2.01 12.42
C ARG A 11 -2.43 -3.14 11.40
N ARG A 12 -3.09 -4.21 11.73
CA ARG A 12 -3.20 -5.34 10.78
C ARG A 12 -4.47 -5.20 9.95
N ILE A 13 -5.49 -4.61 10.50
CA ILE A 13 -6.74 -4.47 9.72
C ILE A 13 -6.63 -3.23 8.85
N ALA A 14 -5.91 -2.24 9.29
CA ALA A 14 -5.75 -1.02 8.47
C ALA A 14 -4.58 -1.15 7.51
N VAL A 15 -3.93 -2.29 7.45
CA VAL A 15 -2.78 -2.40 6.52
C VAL A 15 -3.16 -1.86 5.13
N PRO A 16 -4.29 -2.29 4.62
CA PRO A 16 -4.70 -1.82 3.28
C PRO A 16 -5.12 -0.35 3.34
N VAL A 17 -5.76 0.05 4.39
CA VAL A 17 -6.18 1.46 4.49
C VAL A 17 -4.92 2.34 4.55
N VAL A 18 -3.96 1.95 5.33
CA VAL A 18 -2.72 2.75 5.43
C VAL A 18 -2.06 2.86 4.05
N SER A 19 -1.88 1.77 3.38
CA SER A 19 -1.24 1.81 2.03
C SER A 19 -2.04 2.70 1.08
N THR A 20 -3.32 2.81 1.27
CA THR A 20 -4.11 3.65 0.34
C THR A 20 -4.28 5.08 0.89
N LEU A 21 -4.21 5.25 2.18
CA LEU A 21 -4.38 6.62 2.73
C LEU A 21 -3.02 7.31 2.86
N PHE A 22 -1.99 6.55 3.08
CA PHE A 22 -0.65 7.17 3.21
C PHE A 22 0.02 7.15 1.85
N PRO A 23 0.16 8.31 1.28
CA PRO A 23 0.80 8.45 -0.05
C PRO A 23 2.25 7.95 -0.07
N PRO A 24 2.96 8.01 1.03
CA PRO A 24 4.36 7.53 1.01
C PRO A 24 4.41 6.00 1.17
N ALA A 25 3.46 5.43 1.85
CA ALA A 25 3.47 3.95 2.04
C ALA A 25 2.85 3.26 0.83
N ALA A 26 3.44 3.41 -0.31
CA ALA A 26 2.88 2.74 -1.53
C ALA A 26 3.84 2.87 -2.70
N PRO A 27 4.11 4.09 -3.11
CA PRO A 27 5.03 4.32 -4.24
C PRO A 27 6.45 3.90 -3.87
N LEU A 28 6.79 3.97 -2.63
CA LEU A 28 8.16 3.54 -2.24
C LEU A 28 8.30 2.05 -2.51
N ALA A 29 7.31 1.29 -2.14
CA ALA A 29 7.38 -0.17 -2.41
C ALA A 29 7.62 -0.34 -3.90
N HIS A 30 7.02 0.50 -4.68
CA HIS A 30 7.20 0.44 -6.15
C HIS A 30 8.69 0.49 -6.48
N ALA A 31 9.38 1.44 -5.92
CA ALA A 31 10.84 1.55 -6.20
C ALA A 31 11.56 0.29 -5.76
N ILE A 32 11.05 -0.39 -4.77
CA ILE A 32 11.73 -1.62 -4.31
C ILE A 32 11.22 -2.83 -5.09
N GLY A 33 10.00 -2.81 -5.52
CA GLY A 33 9.46 -3.97 -6.27
C GLY A 33 9.83 -3.85 -7.74
N GLU A 34 9.82 -2.66 -8.26
CA GLU A 34 10.16 -2.49 -9.71
C GLU A 34 11.48 -1.75 -9.88
N GLY A 35 11.81 -0.88 -8.98
CA GLY A 35 13.08 -0.13 -9.13
C GLY A 35 14.22 -1.14 -9.26
N VAL A 36 14.23 -2.15 -8.43
CA VAL A 36 15.31 -3.16 -8.53
C VAL A 36 15.33 -3.74 -9.93
N ASP A 37 14.19 -4.06 -10.48
CA ASP A 37 14.15 -4.61 -11.85
C ASP A 37 14.67 -3.56 -12.82
N TYR A 38 14.23 -2.36 -12.65
CA TYR A 38 14.69 -1.27 -13.55
C TYR A 38 16.20 -1.18 -13.53
N LEU A 39 16.79 -1.35 -12.39
CA LEU A 39 18.28 -1.27 -12.31
C LEU A 39 18.91 -2.61 -12.72
N LEU A 40 18.22 -3.69 -12.47
CA LEU A 40 18.79 -5.02 -12.84
C LEU A 40 18.61 -5.27 -14.33
N GLY A 41 17.50 -4.86 -14.87
CA GLY A 41 17.25 -5.11 -16.30
C GLY A 41 15.79 -5.52 -16.45
N ASP A 42 15.01 -4.75 -17.15
CA ASP A 42 13.57 -5.10 -17.32
C ASP A 42 13.38 -6.13 -18.42
N GLU A 43 14.38 -6.90 -18.73
CA GLU A 43 14.22 -7.92 -19.78
C GLU A 43 13.87 -9.26 -19.14
N ALA A 44 13.56 -9.28 -17.87
CA ALA A 44 13.20 -10.55 -17.20
C ALA A 44 14.35 -11.54 -17.34
N GLN A 45 14.07 -12.80 -17.53
CA GLN A 45 15.16 -13.79 -17.68
C GLN A 45 14.95 -14.58 -18.96
N ALA A 46 15.78 -14.39 -19.93
CA ALA A 46 15.63 -15.13 -21.21
C ALA A 46 16.99 -15.23 -21.88
N PHE A 1 -6.18 -8.23 29.59
CA PHE A 1 -6.45 -7.27 28.49
C PHE A 1 -5.11 -6.86 27.89
N GLY A 2 -5.12 -6.03 26.88
CA GLY A 2 -3.84 -5.62 26.28
C GLY A 2 -4.13 -4.61 25.17
N PHE A 3 -4.35 -3.38 25.51
CA PHE A 3 -4.64 -2.36 24.45
C PHE A 3 -3.57 -2.41 23.39
N LYS A 4 -2.33 -2.54 23.78
CA LYS A 4 -1.22 -2.58 22.78
C LYS A 4 -1.56 -3.59 21.68
N ASP A 5 -2.04 -4.74 22.03
CA ASP A 5 -2.38 -5.74 20.98
C ASP A 5 -3.58 -5.25 20.19
N ILE A 6 -4.51 -4.63 20.85
CA ILE A 6 -5.68 -4.11 20.11
C ILE A 6 -5.17 -3.10 19.09
N ILE A 7 -4.22 -2.30 19.47
CA ILE A 7 -3.65 -1.32 18.49
C ILE A 7 -3.03 -2.12 17.34
N ARG A 8 -2.33 -3.17 17.66
CA ARG A 8 -1.71 -4.00 16.59
C ARG A 8 -2.83 -4.50 15.67
N ALA A 9 -3.91 -4.94 16.24
CA ALA A 9 -5.03 -5.44 15.41
C ALA A 9 -5.50 -4.32 14.50
N ILE A 10 -5.67 -3.15 15.02
CA ILE A 10 -6.12 -2.02 14.18
C ILE A 10 -5.05 -1.70 13.15
N ARG A 11 -3.82 -1.72 13.55
CA ARG A 11 -2.74 -1.43 12.57
C ARG A 11 -2.79 -2.50 11.49
N ARG A 12 -3.07 -3.71 11.87
CA ARG A 12 -3.12 -4.81 10.87
C ARG A 12 -4.36 -4.64 9.99
N ILE A 13 -5.50 -4.43 10.58
CA ILE A 13 -6.72 -4.28 9.76
C ILE A 13 -6.60 -3.02 8.89
N ALA A 14 -5.89 -2.02 9.35
CA ALA A 14 -5.75 -0.78 8.54
C ALA A 14 -4.56 -0.90 7.59
N VAL A 15 -3.83 -1.97 7.62
CA VAL A 15 -2.66 -2.10 6.71
C VAL A 15 -3.02 -1.71 5.28
N PRO A 16 -4.09 -2.28 4.76
CA PRO A 16 -4.48 -1.97 3.37
C PRO A 16 -4.92 -0.51 3.24
N VAL A 17 -5.77 -0.04 4.12
CA VAL A 17 -6.22 1.38 4.02
C VAL A 17 -5.02 2.31 4.16
N VAL A 18 -4.13 2.01 5.05
CA VAL A 18 -2.94 2.89 5.20
C VAL A 18 -2.19 2.92 3.87
N SER A 19 -2.06 1.80 3.23
CA SER A 19 -1.35 1.76 1.93
C SER A 19 -2.13 2.56 0.87
N THR A 20 -3.41 2.71 1.04
CA THR A 20 -4.17 3.47 0.02
C THR A 20 -4.23 4.95 0.39
N LEU A 21 -4.26 5.27 1.65
CA LEU A 21 -4.33 6.71 2.04
C LEU A 21 -2.97 7.22 2.50
N PHE A 22 -2.01 6.37 2.67
CA PHE A 22 -0.68 6.84 3.12
C PHE A 22 0.40 6.31 2.19
N PRO A 23 1.20 7.22 1.73
CA PRO A 23 2.32 6.89 0.82
C PRO A 23 3.38 5.97 1.48
N PRO A 24 3.55 6.02 2.78
CA PRO A 24 4.56 5.13 3.40
C PRO A 24 4.08 3.69 3.36
N ALA A 25 2.80 3.49 3.32
CA ALA A 25 2.27 2.09 3.26
C ALA A 25 1.97 1.73 1.81
N ALA A 26 1.87 2.71 0.95
CA ALA A 26 1.59 2.43 -0.49
C ALA A 26 2.47 1.30 -1.02
N PRO A 27 3.74 1.32 -0.70
CA PRO A 27 4.64 0.25 -1.19
C PRO A 27 4.24 -1.11 -0.64
N LEU A 28 3.55 -1.16 0.47
CA LEU A 28 3.14 -2.48 0.99
C LEU A 28 2.14 -3.08 0.01
N ALA A 29 1.19 -2.29 -0.43
CA ALA A 29 0.21 -2.82 -1.42
C ALA A 29 0.99 -3.43 -2.57
N HIS A 30 2.10 -2.82 -2.90
CA HIS A 30 2.95 -3.37 -3.99
C HIS A 30 3.27 -4.82 -3.66
N ALA A 31 3.78 -5.06 -2.49
CA ALA A 31 4.12 -6.45 -2.09
C ALA A 31 2.86 -7.31 -2.07
N ILE A 32 1.75 -6.71 -1.72
CA ILE A 32 0.48 -7.50 -1.68
C ILE A 32 0.08 -7.93 -3.11
N GLY A 33 0.71 -7.38 -4.11
CA GLY A 33 0.34 -7.77 -5.48
C GLY A 33 -0.21 -6.56 -6.21
N GLU A 34 -0.68 -5.59 -5.48
CA GLU A 34 -1.23 -4.37 -6.15
C GLU A 34 -0.16 -3.76 -7.04
N GLY A 35 1.09 -3.98 -6.75
CA GLY A 35 2.14 -3.39 -7.61
C GLY A 35 2.06 -4.01 -8.99
N VAL A 36 1.99 -5.31 -9.07
CA VAL A 36 1.90 -5.94 -10.41
C VAL A 36 0.54 -5.59 -11.02
N ASP A 37 -0.48 -5.62 -10.22
CA ASP A 37 -1.83 -5.26 -10.75
C ASP A 37 -1.79 -3.85 -11.27
N TYR A 38 -1.12 -2.97 -10.59
CA TYR A 38 -1.04 -1.58 -11.08
C TYR A 38 -0.31 -1.58 -12.41
N LEU A 39 0.79 -2.27 -12.48
CA LEU A 39 1.56 -2.32 -13.76
C LEU A 39 0.70 -2.97 -14.85
N LEU A 40 -0.09 -3.93 -14.50
CA LEU A 40 -0.95 -4.59 -15.52
C LEU A 40 -2.35 -3.99 -15.49
N GLY A 41 -2.52 -2.86 -14.87
CA GLY A 41 -3.87 -2.27 -14.83
C GLY A 41 -4.07 -1.37 -16.05
N ASP A 42 -3.00 -0.84 -16.60
CA ASP A 42 -3.15 0.04 -17.78
C ASP A 42 -2.98 -0.74 -19.08
N GLU A 43 -3.10 -2.03 -19.03
CA GLU A 43 -2.94 -2.82 -20.28
C GLU A 43 -4.30 -2.96 -20.95
N ALA A 44 -4.70 -1.98 -21.70
CA ALA A 44 -6.01 -2.05 -22.39
C ALA A 44 -5.91 -1.33 -23.72
N GLN A 45 -6.75 -1.68 -24.66
CA GLN A 45 -6.71 -1.03 -26.00
C GLN A 45 -5.36 -1.29 -26.66
N ALA A 46 -5.13 -2.51 -27.04
CA ALA A 46 -3.84 -2.92 -27.69
C ALA A 46 -2.78 -3.11 -26.61
N PHE A 1 -3.02 -1.62 31.05
CA PHE A 1 -2.79 -1.33 29.61
C PHE A 1 -3.42 -2.44 28.79
N GLY A 2 -3.22 -2.46 27.49
CA GLY A 2 -3.82 -3.53 26.67
C GLY A 2 -4.09 -2.99 25.27
N PHE A 3 -4.57 -1.79 25.17
CA PHE A 3 -4.85 -1.19 23.83
C PHE A 3 -3.71 -1.46 22.87
N LYS A 4 -2.51 -1.51 23.36
CA LYS A 4 -1.34 -1.78 22.47
C LYS A 4 -1.61 -2.99 21.59
N ASP A 5 -2.31 -3.98 22.08
CA ASP A 5 -2.57 -5.15 21.20
C ASP A 5 -3.72 -4.84 20.28
N ILE A 6 -4.66 -4.07 20.75
CA ILE A 6 -5.78 -3.68 19.87
C ILE A 6 -5.21 -2.86 18.72
N ILE A 7 -4.31 -1.97 19.02
CA ILE A 7 -3.69 -1.16 17.94
C ILE A 7 -2.98 -2.12 16.99
N ARG A 8 -2.38 -3.16 17.51
CA ARG A 8 -1.71 -4.13 16.62
C ARG A 8 -2.75 -4.72 15.67
N ALA A 9 -3.89 -5.08 16.19
CA ALA A 9 -4.94 -5.64 15.31
C ALA A 9 -5.37 -4.55 14.34
N ILE A 10 -5.56 -3.36 14.83
CA ILE A 10 -5.97 -2.27 13.92
C ILE A 10 -4.91 -2.09 12.85
N ARG A 11 -3.67 -2.22 13.22
CA ARG A 11 -2.60 -2.07 12.20
C ARG A 11 -2.71 -3.23 11.22
N ARG A 12 -3.03 -4.39 11.70
CA ARG A 12 -3.16 -5.56 10.78
C ARG A 12 -4.43 -5.44 9.95
N ILE A 13 -5.44 -4.80 10.45
CA ILE A 13 -6.68 -4.66 9.65
C ILE A 13 -6.53 -3.42 8.77
N ALA A 14 -5.76 -2.48 9.22
CA ALA A 14 -5.57 -1.25 8.41
C ALA A 14 -4.52 -1.47 7.34
N VAL A 15 -3.87 -2.61 7.32
CA VAL A 15 -2.82 -2.85 6.27
C VAL A 15 -3.23 -2.22 4.92
N PRO A 16 -4.41 -2.53 4.46
CA PRO A 16 -4.86 -1.96 3.17
C PRO A 16 -5.15 -0.47 3.32
N VAL A 17 -5.75 -0.07 4.40
CA VAL A 17 -6.05 1.37 4.60
C VAL A 17 -4.75 2.15 4.70
N VAL A 18 -3.71 1.55 5.20
CA VAL A 18 -2.42 2.27 5.29
C VAL A 18 -2.00 2.65 3.88
N SER A 19 -2.04 1.71 2.99
CA SER A 19 -1.68 1.99 1.59
C SER A 19 -2.55 3.10 1.02
N THR A 20 -3.78 3.19 1.44
CA THR A 20 -4.66 4.27 0.90
C THR A 20 -4.45 5.58 1.66
N LEU A 21 -4.11 5.51 2.91
CA LEU A 21 -3.92 6.76 3.69
C LEU A 21 -2.49 7.27 3.58
N PHE A 22 -1.55 6.40 3.35
CA PHE A 22 -0.15 6.85 3.25
C PHE A 22 0.24 6.98 1.79
N PRO A 23 0.36 8.20 1.36
CA PRO A 23 0.76 8.49 -0.03
C PRO A 23 2.17 7.96 -0.36
N PRO A 24 3.04 7.78 0.62
CA PRO A 24 4.38 7.26 0.30
C PRO A 24 4.34 5.73 0.21
N ALA A 25 3.46 5.11 0.94
CA ALA A 25 3.36 3.63 0.88
C ALA A 25 2.43 3.22 -0.26
N ALA A 26 1.43 4.03 -0.53
CA ALA A 26 0.48 3.70 -1.62
C ALA A 26 1.19 3.29 -2.92
N PRO A 27 2.17 4.05 -3.33
CA PRO A 27 2.87 3.74 -4.59
C PRO A 27 3.69 2.46 -4.46
N LEU A 28 4.52 2.37 -3.47
CA LEU A 28 5.33 1.13 -3.35
C LEU A 28 4.42 -0.04 -3.00
N ALA A 29 3.38 0.18 -2.25
CA ALA A 29 2.47 -0.96 -1.93
C ALA A 29 2.03 -1.55 -3.25
N HIS A 30 1.81 -0.71 -4.22
CA HIS A 30 1.41 -1.20 -5.56
C HIS A 30 2.50 -2.09 -6.12
N ALA A 31 3.71 -1.64 -6.07
CA ALA A 31 4.83 -2.45 -6.60
C ALA A 31 4.99 -3.73 -5.77
N ILE A 32 4.95 -3.61 -4.48
CA ILE A 32 5.11 -4.80 -3.62
C ILE A 32 3.90 -5.73 -3.77
N GLY A 33 2.75 -5.17 -4.04
CA GLY A 33 1.55 -6.03 -4.19
C GLY A 33 1.30 -6.32 -5.67
N GLU A 34 2.35 -6.36 -6.46
CA GLU A 34 2.19 -6.65 -7.91
C GLU A 34 0.97 -5.91 -8.48
N GLY A 35 0.76 -4.70 -8.06
CA GLY A 35 -0.41 -3.94 -8.58
C GLY A 35 -0.27 -3.79 -10.09
N VAL A 36 0.82 -3.25 -10.54
CA VAL A 36 0.99 -3.11 -12.01
C VAL A 36 0.97 -4.48 -12.65
N ASP A 37 1.55 -5.44 -12.01
CA ASP A 37 1.55 -6.81 -12.58
C ASP A 37 0.11 -7.29 -12.72
N TYR A 38 -0.69 -7.00 -11.75
CA TYR A 38 -2.11 -7.44 -11.79
C TYR A 38 -2.87 -6.74 -12.91
N LEU A 39 -2.67 -5.48 -13.07
CA LEU A 39 -3.41 -4.75 -14.13
C LEU A 39 -2.75 -4.95 -15.50
N LEU A 40 -1.52 -5.40 -15.53
CA LEU A 40 -0.87 -5.64 -16.85
C LEU A 40 -1.08 -7.08 -17.27
N GLY A 41 -0.51 -7.99 -16.53
CA GLY A 41 -0.67 -9.43 -16.89
C GLY A 41 0.10 -9.70 -18.17
N ASP A 42 1.16 -8.99 -18.41
CA ASP A 42 1.97 -9.22 -19.63
C ASP A 42 3.30 -9.84 -19.24
N GLU A 43 3.26 -10.73 -18.29
CA GLU A 43 4.52 -11.37 -17.84
C GLU A 43 4.48 -12.85 -18.15
N ALA A 44 5.62 -13.48 -18.29
CA ALA A 44 5.63 -14.93 -18.59
C ALA A 44 5.41 -15.71 -17.29
N GLN A 45 5.16 -16.97 -17.39
CA GLN A 45 4.96 -17.78 -16.15
C GLN A 45 6.00 -18.89 -16.09
N ALA A 46 7.14 -18.66 -16.69
CA ALA A 46 8.22 -19.68 -16.67
C ALA A 46 9.46 -19.06 -17.31
N PHE A 1 -8.32 -9.53 27.08
CA PHE A 1 -8.22 -8.34 26.18
C PHE A 1 -6.90 -7.63 26.47
N GLY A 2 -6.61 -6.56 25.79
CA GLY A 2 -5.34 -5.86 26.04
C GLY A 2 -5.21 -4.77 24.98
N PHE A 3 -5.32 -3.54 25.37
CA PHE A 3 -5.22 -2.43 24.37
C PHE A 3 -4.00 -2.64 23.48
N LYS A 4 -2.89 -2.98 24.05
CA LYS A 4 -1.65 -3.19 23.25
C LYS A 4 -1.95 -4.10 22.05
N ASP A 5 -2.79 -5.09 22.22
CA ASP A 5 -3.11 -5.96 21.06
C ASP A 5 -4.04 -5.21 20.14
N ILE A 6 -4.96 -4.47 20.70
CA ILE A 6 -5.87 -3.69 19.83
C ILE A 6 -5.02 -2.76 18.96
N ILE A 7 -3.99 -2.18 19.51
CA ILE A 7 -3.12 -1.31 18.69
C ILE A 7 -2.59 -2.12 17.52
N ARG A 8 -2.08 -3.30 17.80
CA ARG A 8 -1.57 -4.17 16.71
C ARG A 8 -2.71 -4.48 15.76
N ALA A 9 -3.86 -4.80 16.28
CA ALA A 9 -5.02 -5.11 15.41
C ALA A 9 -5.29 -3.93 14.51
N ILE A 10 -5.30 -2.75 15.05
CA ILE A 10 -5.55 -1.56 14.20
C ILE A 10 -4.44 -1.44 13.18
N ARG A 11 -3.23 -1.72 13.56
CA ARG A 11 -2.13 -1.63 12.58
C ARG A 11 -2.34 -2.67 11.50
N ARG A 12 -2.83 -3.82 11.85
CA ARG A 12 -3.05 -4.87 10.82
C ARG A 12 -4.29 -4.52 9.99
N ILE A 13 -5.38 -4.20 10.62
CA ILE A 13 -6.60 -3.86 9.85
C ILE A 13 -6.34 -2.64 8.97
N ALA A 14 -5.50 -1.74 9.42
CA ALA A 14 -5.22 -0.55 8.58
C ALA A 14 -4.11 -0.84 7.58
N VAL A 15 -3.63 -2.05 7.49
CA VAL A 15 -2.55 -2.32 6.51
C VAL A 15 -3.00 -1.88 5.11
N PRO A 16 -4.11 -2.39 4.65
CA PRO A 16 -4.61 -2.02 3.31
C PRO A 16 -5.13 -0.58 3.31
N VAL A 17 -5.70 -0.14 4.39
CA VAL A 17 -6.21 1.25 4.42
C VAL A 17 -5.03 2.20 4.30
N VAL A 18 -3.94 1.87 4.94
CA VAL A 18 -2.75 2.73 4.87
C VAL A 18 -2.24 2.77 3.42
N SER A 19 -2.28 1.67 2.72
CA SER A 19 -1.79 1.70 1.32
C SER A 19 -2.62 2.69 0.51
N THR A 20 -3.89 2.72 0.72
CA THR A 20 -4.74 3.65 -0.04
C THR A 20 -4.72 5.05 0.59
N LEU A 21 -4.36 5.17 1.84
CA LEU A 21 -4.34 6.52 2.47
C LEU A 21 -2.94 6.90 2.91
N PHE A 22 -1.92 6.31 2.34
CA PHE A 22 -0.55 6.67 2.75
C PHE A 22 0.42 6.32 1.62
N PRO A 23 1.26 7.25 1.32
CA PRO A 23 2.26 7.08 0.23
C PRO A 23 3.30 5.97 0.52
N PRO A 24 3.60 5.67 1.76
CA PRO A 24 4.60 4.62 2.02
C PRO A 24 3.99 3.24 1.80
N ALA A 25 2.71 3.10 1.99
CA ALA A 25 2.07 1.78 1.79
C ALA A 25 1.43 1.71 0.40
N ALA A 26 1.16 2.83 -0.20
CA ALA A 26 0.54 2.83 -1.54
C ALA A 26 1.33 1.95 -2.52
N PRO A 27 2.64 2.08 -2.53
CA PRO A 27 3.46 1.27 -3.45
C PRO A 27 3.35 -0.21 -3.12
N LEU A 28 2.97 -0.54 -1.91
CA LEU A 28 2.83 -1.99 -1.59
C LEU A 28 1.62 -2.51 -2.32
N ALA A 29 0.52 -1.81 -2.24
CA ALA A 29 -0.68 -2.27 -2.99
C ALA A 29 -0.31 -2.35 -4.45
N HIS A 30 0.54 -1.44 -4.87
CA HIS A 30 1.01 -1.43 -6.27
C HIS A 30 1.58 -2.78 -6.63
N ALA A 31 2.51 -3.27 -5.85
CA ALA A 31 3.12 -4.59 -6.14
C ALA A 31 2.03 -5.64 -6.29
N ILE A 32 1.02 -5.57 -5.48
CA ILE A 32 -0.08 -6.56 -5.58
C ILE A 32 -0.83 -6.35 -6.90
N GLY A 33 -0.87 -5.14 -7.38
CA GLY A 33 -1.59 -4.86 -8.64
C GLY A 33 -0.61 -4.86 -9.81
N GLU A 34 0.61 -5.29 -9.61
CA GLU A 34 1.59 -5.29 -10.73
C GLU A 34 1.01 -6.02 -11.94
N GLY A 35 0.10 -6.91 -11.74
CA GLY A 35 -0.48 -7.64 -12.90
C GLY A 35 -1.08 -6.61 -13.86
N VAL A 36 -1.82 -5.66 -13.35
CA VAL A 36 -2.41 -4.64 -14.25
C VAL A 36 -1.27 -3.80 -14.82
N ASP A 37 -0.30 -3.50 -14.01
CA ASP A 37 0.86 -2.70 -14.48
C ASP A 37 1.50 -3.42 -15.65
N TYR A 38 1.64 -4.70 -15.56
CA TYR A 38 2.26 -5.45 -16.68
C TYR A 38 1.39 -5.29 -17.92
N LEU A 39 0.11 -5.44 -17.77
CA LEU A 39 -0.79 -5.29 -18.93
C LEU A 39 -0.78 -3.86 -19.45
N LEU A 40 -0.69 -2.91 -18.56
CA LEU A 40 -0.68 -1.49 -19.01
C LEU A 40 0.74 -0.92 -18.92
N GLY A 41 1.72 -1.76 -18.99
CA GLY A 41 3.12 -1.26 -18.89
C GLY A 41 3.70 -1.12 -20.30
N ASP A 42 3.31 -1.98 -21.20
CA ASP A 42 3.87 -1.89 -22.58
C ASP A 42 2.90 -1.14 -23.49
N GLU A 43 2.20 -0.18 -22.96
CA GLU A 43 1.24 0.58 -23.81
C GLU A 43 1.88 1.90 -24.24
N ALA A 44 1.07 2.89 -24.50
CA ALA A 44 1.62 4.21 -24.93
C ALA A 44 2.56 4.02 -26.12
N GLN A 45 2.22 3.14 -27.01
CA GLN A 45 3.09 2.92 -28.20
C GLN A 45 2.23 2.38 -29.33
N ALA A 46 2.83 2.10 -30.46
CA ALA A 46 2.07 1.58 -31.63
C ALA A 46 1.19 2.67 -32.20
N PHE A 1 -5.23 0.64 30.51
CA PHE A 1 -5.71 0.64 29.10
C PHE A 1 -5.10 -0.56 28.38
N GLY A 2 -5.68 -0.95 27.27
CA GLY A 2 -5.12 -2.11 26.52
C GLY A 2 -4.99 -1.71 25.05
N PHE A 3 -4.62 -0.49 24.80
CA PHE A 3 -4.48 -0.03 23.40
C PHE A 3 -3.52 -0.92 22.63
N LYS A 4 -2.44 -1.32 23.25
CA LYS A 4 -1.45 -2.18 22.55
C LYS A 4 -2.14 -3.34 21.83
N ASP A 5 -3.14 -3.91 22.42
CA ASP A 5 -3.83 -5.05 21.77
C ASP A 5 -4.61 -4.55 20.58
N ILE A 6 -5.23 -3.41 20.71
CA ILE A 6 -5.99 -2.84 19.57
C ILE A 6 -5.00 -2.45 18.48
N ILE A 7 -3.90 -1.88 18.86
CA ILE A 7 -2.88 -1.48 17.84
C ILE A 7 -2.50 -2.70 17.01
N ARG A 8 -2.32 -3.82 17.64
CA ARG A 8 -1.95 -5.03 16.86
C ARG A 8 -3.05 -5.33 15.86
N ALA A 9 -4.28 -5.30 16.29
CA ALA A 9 -5.40 -5.56 15.36
C ALA A 9 -5.43 -4.50 14.28
N ILE A 10 -5.25 -3.27 14.68
CA ILE A 10 -5.26 -2.17 13.69
C ILE A 10 -4.08 -2.33 12.73
N ARG A 11 -2.96 -2.77 13.24
CA ARG A 11 -1.80 -2.94 12.34
C ARG A 11 -2.16 -3.91 11.23
N ARG A 12 -2.97 -4.88 11.52
CA ARG A 12 -3.35 -5.84 10.47
C ARG A 12 -4.51 -5.30 9.63
N ILE A 13 -5.52 -4.79 10.27
CA ILE A 13 -6.67 -4.25 9.50
C ILE A 13 -6.25 -3.01 8.73
N ALA A 14 -5.26 -2.31 9.20
CA ALA A 14 -4.84 -1.06 8.49
C ALA A 14 -3.90 -1.38 7.34
N VAL A 15 -3.40 -2.58 7.22
CA VAL A 15 -2.46 -2.85 6.09
C VAL A 15 -2.99 -2.23 4.79
N PRO A 16 -4.22 -2.53 4.45
CA PRO A 16 -4.81 -1.95 3.22
C PRO A 16 -5.10 -0.46 3.42
N VAL A 17 -5.66 -0.11 4.55
CA VAL A 17 -5.97 1.32 4.82
C VAL A 17 -4.69 2.15 4.74
N VAL A 18 -3.58 1.60 5.11
CA VAL A 18 -2.32 2.35 5.03
C VAL A 18 -2.07 2.69 3.56
N SER A 19 -2.23 1.73 2.70
CA SER A 19 -2.02 2.00 1.26
C SER A 19 -3.00 3.07 0.78
N THR A 20 -4.11 3.23 1.43
CA THR A 20 -5.08 4.25 0.97
C THR A 20 -4.92 5.57 1.73
N LEU A 21 -4.45 5.52 2.94
CA LEU A 21 -4.31 6.79 3.72
C LEU A 21 -2.86 7.24 3.84
N PHE A 22 -1.93 6.33 3.88
CA PHE A 22 -0.51 6.74 4.00
C PHE A 22 -0.01 7.26 2.66
N PRO A 23 0.26 8.53 2.64
CA PRO A 23 0.77 9.18 1.42
C PRO A 23 2.13 8.63 0.97
N PRO A 24 2.94 8.11 1.87
CA PRO A 24 4.24 7.56 1.44
C PRO A 24 4.08 6.11 0.97
N ALA A 25 2.90 5.55 1.01
CA ALA A 25 2.73 4.14 0.57
C ALA A 25 1.75 4.06 -0.60
N ALA A 26 0.70 4.81 -0.54
CA ALA A 26 -0.31 4.77 -1.64
C ALA A 26 0.34 4.98 -3.02
N PRO A 27 1.22 5.94 -3.13
CA PRO A 27 1.85 6.21 -4.45
C PRO A 27 2.70 5.03 -4.91
N LEU A 28 3.54 4.50 -4.08
CA LEU A 28 4.35 3.35 -4.55
C LEU A 28 3.44 2.15 -4.76
N ALA A 29 2.43 1.99 -3.94
CA ALA A 29 1.50 0.86 -4.16
C ALA A 29 0.91 1.04 -5.55
N HIS A 30 0.67 2.27 -5.90
CA HIS A 30 0.13 2.57 -7.25
C HIS A 30 1.08 2.02 -8.30
N ALA A 31 2.34 2.28 -8.14
CA ALA A 31 3.33 1.77 -9.13
C ALA A 31 3.33 0.26 -9.11
N ILE A 32 3.19 -0.34 -7.97
CA ILE A 32 3.18 -1.82 -7.91
C ILE A 32 2.08 -2.37 -8.82
N GLY A 33 1.00 -1.65 -8.97
CA GLY A 33 -0.08 -2.13 -9.86
C GLY A 33 -0.01 -1.40 -11.19
N GLU A 34 1.18 -1.05 -11.62
CA GLU A 34 1.35 -0.32 -12.91
C GLU A 34 0.42 0.88 -12.97
N GLY A 35 0.04 1.44 -11.86
CA GLY A 35 -0.86 2.62 -11.90
C GLY A 35 -0.06 3.79 -12.47
N VAL A 36 1.07 4.08 -11.90
CA VAL A 36 1.88 5.19 -12.44
C VAL A 36 2.29 4.85 -13.87
N ASP A 37 2.62 3.61 -14.11
CA ASP A 37 3.02 3.20 -15.48
C ASP A 37 1.85 3.44 -16.43
N TYR A 38 0.67 3.07 -16.01
CA TYR A 38 -0.51 3.28 -16.88
C TYR A 38 -0.57 4.75 -17.28
N LEU A 39 -0.38 5.62 -16.35
CA LEU A 39 -0.42 7.07 -16.67
C LEU A 39 0.76 7.40 -17.58
N LEU A 40 1.89 6.79 -17.36
CA LEU A 40 3.06 7.06 -18.23
C LEU A 40 2.78 6.56 -19.63
N GLY A 41 2.09 5.46 -19.75
CA GLY A 41 1.79 4.92 -21.10
C GLY A 41 3.02 4.22 -21.67
N ASP A 42 4.06 4.06 -20.89
CA ASP A 42 5.31 3.39 -21.38
C ASP A 42 5.64 3.82 -22.80
N GLU A 43 5.38 5.06 -23.15
CA GLU A 43 5.67 5.54 -24.52
C GLU A 43 5.19 4.52 -25.56
N ALA A 44 4.13 3.81 -25.27
CA ALA A 44 3.64 2.80 -26.24
C ALA A 44 2.89 3.50 -27.36
N GLN A 45 2.35 4.65 -27.11
CA GLN A 45 1.61 5.38 -28.16
C GLN A 45 2.16 6.79 -28.28
N ALA A 46 3.47 6.90 -28.38
CA ALA A 46 4.12 8.25 -28.47
C ALA A 46 4.09 8.90 -27.11
N PHE A 1 -8.38 -7.54 26.12
CA PHE A 1 -7.90 -6.42 26.98
C PHE A 1 -6.48 -6.07 26.55
N GLY A 2 -5.93 -5.01 27.07
CA GLY A 2 -4.55 -4.63 26.66
C GLY A 2 -4.63 -3.84 25.37
N PHE A 3 -4.42 -2.55 25.44
CA PHE A 3 -4.50 -1.73 24.20
C PHE A 3 -3.48 -2.21 23.18
N LYS A 4 -2.33 -2.65 23.64
CA LYS A 4 -1.29 -3.11 22.69
C LYS A 4 -1.87 -4.13 21.70
N ASP A 5 -2.76 -4.96 22.15
CA ASP A 5 -3.35 -5.96 21.22
C ASP A 5 -4.31 -5.24 20.28
N ILE A 6 -5.06 -4.32 20.81
CA ILE A 6 -6.00 -3.56 19.95
C ILE A 6 -5.18 -2.78 18.91
N ILE A 7 -4.14 -2.13 19.34
CA ILE A 7 -3.30 -1.38 18.39
C ILE A 7 -2.77 -2.36 17.35
N ARG A 8 -2.36 -3.52 17.77
CA ARG A 8 -1.84 -4.51 16.81
C ARG A 8 -2.95 -4.84 15.81
N ALA A 9 -4.13 -5.08 16.29
CA ALA A 9 -5.25 -5.39 15.37
C ALA A 9 -5.49 -4.20 14.46
N ILE A 10 -5.48 -3.03 15.02
CA ILE A 10 -5.70 -1.82 14.18
C ILE A 10 -4.57 -1.72 13.16
N ARG A 11 -3.38 -2.00 13.56
CA ARG A 11 -2.25 -1.93 12.60
C ARG A 11 -2.50 -2.95 11.49
N ARG A 12 -2.94 -4.12 11.86
CA ARG A 12 -3.19 -5.16 10.84
C ARG A 12 -4.38 -4.77 9.97
N ILE A 13 -5.41 -4.25 10.56
CA ILE A 13 -6.60 -3.88 9.75
C ILE A 13 -6.30 -2.60 8.96
N ALA A 14 -5.44 -1.77 9.48
CA ALA A 14 -5.11 -0.51 8.76
C ALA A 14 -4.06 -0.75 7.69
N VAL A 15 -3.42 -1.89 7.68
CA VAL A 15 -2.38 -2.12 6.64
C VAL A 15 -2.88 -1.69 5.25
N PRO A 16 -4.03 -2.20 4.85
CA PRO A 16 -4.58 -1.84 3.53
C PRO A 16 -5.01 -0.38 3.50
N VAL A 17 -5.62 0.09 4.55
CA VAL A 17 -6.06 1.51 4.56
C VAL A 17 -4.84 2.41 4.43
N VAL A 18 -3.81 2.12 5.18
CA VAL A 18 -2.58 2.96 5.11
C VAL A 18 -2.02 2.93 3.69
N SER A 19 -1.91 1.77 3.11
CA SER A 19 -1.34 1.69 1.74
C SER A 19 -2.22 2.44 0.74
N THR A 20 -3.48 2.59 1.01
CA THR A 20 -4.35 3.31 0.04
C THR A 20 -4.58 4.76 0.47
N LEU A 21 -4.46 5.07 1.72
CA LEU A 21 -4.68 6.48 2.15
C LEU A 21 -3.36 7.18 2.36
N PHE A 22 -2.36 6.49 2.82
CA PHE A 22 -1.05 7.13 3.04
C PHE A 22 -0.18 6.90 1.82
N PRO A 23 0.12 7.97 1.15
CA PRO A 23 0.98 7.91 -0.05
C PRO A 23 2.37 7.34 0.24
N PRO A 24 2.90 7.52 1.44
CA PRO A 24 4.24 6.95 1.72
C PRO A 24 4.13 5.44 1.94
N ALA A 25 2.95 4.95 2.23
CA ALA A 25 2.80 3.48 2.44
C ALA A 25 2.44 2.79 1.13
N ALA A 26 1.74 3.49 0.27
CA ALA A 26 1.35 2.88 -1.03
C ALA A 26 2.54 2.21 -1.72
N PRO A 27 3.65 2.91 -1.81
CA PRO A 27 4.85 2.34 -2.47
C PRO A 27 5.37 1.14 -1.70
N LEU A 28 5.05 1.00 -0.46
CA LEU A 28 5.53 -0.18 0.27
C LEU A 28 4.68 -1.36 -0.16
N ALA A 29 3.40 -1.18 -0.18
CA ALA A 29 2.51 -2.28 -0.64
C ALA A 29 2.91 -2.57 -2.08
N HIS A 30 3.26 -1.54 -2.80
CA HIS A 30 3.69 -1.68 -4.20
C HIS A 30 4.76 -2.76 -4.31
N ALA A 31 5.79 -2.66 -3.51
CA ALA A 31 6.88 -3.66 -3.58
C ALA A 31 6.38 -5.04 -3.15
N ILE A 32 5.42 -5.10 -2.29
CA ILE A 32 4.93 -6.43 -1.83
C ILE A 32 3.86 -6.96 -2.77
N GLY A 33 3.08 -6.11 -3.35
CA GLY A 33 2.00 -6.59 -4.26
C GLY A 33 2.52 -6.58 -5.69
N GLU A 34 3.39 -5.68 -6.01
CA GLU A 34 3.93 -5.61 -7.39
C GLU A 34 5.43 -5.39 -7.36
N GLY A 35 6.13 -6.10 -6.53
CA GLY A 35 7.60 -5.91 -6.46
C GLY A 35 8.18 -6.03 -7.87
N VAL A 36 7.78 -7.04 -8.60
CA VAL A 36 8.31 -7.20 -9.97
C VAL A 36 7.86 -6.00 -10.82
N ASP A 37 6.62 -5.62 -10.66
CA ASP A 37 6.10 -4.46 -11.42
C ASP A 37 6.94 -3.24 -11.08
N TYR A 38 7.21 -3.04 -9.83
CA TYR A 38 8.03 -1.87 -9.42
C TYR A 38 9.39 -1.98 -10.08
N LEU A 39 9.99 -3.13 -10.00
CA LEU A 39 11.33 -3.31 -10.62
C LEU A 39 11.22 -3.03 -12.11
N LEU A 40 10.14 -3.44 -12.71
CA LEU A 40 9.97 -3.19 -14.16
C LEU A 40 9.77 -1.70 -14.39
N GLY A 41 8.82 -1.13 -13.74
CA GLY A 41 8.58 0.33 -13.92
C GLY A 41 9.22 1.08 -12.77
N ASP A 42 10.49 0.89 -12.56
CA ASP A 42 11.18 1.60 -11.45
C ASP A 42 11.41 3.05 -11.85
N GLU A 43 10.35 3.80 -12.00
CA GLU A 43 10.44 5.23 -12.42
C GLU A 43 11.01 5.35 -13.84
N ALA A 44 12.17 4.81 -14.08
CA ALA A 44 12.74 4.88 -15.45
C ALA A 44 12.22 3.70 -16.27
N GLN A 45 12.99 3.26 -17.24
CA GLN A 45 12.56 2.11 -18.09
C GLN A 45 11.30 2.50 -18.87
N ALA A 46 10.67 1.55 -19.49
CA ALA A 46 9.45 1.84 -20.27
C ALA A 46 8.84 0.52 -20.71
N PHE A 1 -6.94 0.94 29.29
CA PHE A 1 -5.82 -0.06 29.24
C PHE A 1 -6.10 -1.03 28.10
N GLY A 2 -5.22 -1.95 27.85
CA GLY A 2 -5.46 -2.90 26.75
C GLY A 2 -5.48 -2.13 25.43
N PHE A 3 -4.42 -1.45 25.12
CA PHE A 3 -4.38 -0.67 23.86
C PHE A 3 -3.44 -1.34 22.86
N LYS A 4 -2.25 -1.67 23.28
CA LYS A 4 -1.28 -2.32 22.34
C LYS A 4 -1.94 -3.49 21.63
N ASP A 5 -2.65 -4.30 22.34
CA ASP A 5 -3.33 -5.46 21.69
C ASP A 5 -4.25 -4.96 20.60
N ILE A 6 -5.00 -3.93 20.88
CA ILE A 6 -5.91 -3.39 19.84
C ILE A 6 -5.06 -2.81 18.71
N ILE A 7 -4.01 -2.11 19.04
CA ILE A 7 -3.14 -1.53 17.99
C ILE A 7 -2.62 -2.65 17.09
N ARG A 8 -2.31 -3.78 17.65
CA ARG A 8 -1.81 -4.89 16.80
C ARG A 8 -2.87 -5.28 15.79
N ALA A 9 -4.09 -5.41 16.24
CA ALA A 9 -5.18 -5.78 15.29
C ALA A 9 -5.45 -4.61 14.37
N ILE A 10 -5.45 -3.43 14.90
CA ILE A 10 -5.71 -2.24 14.06
C ILE A 10 -4.60 -2.12 13.03
N ARG A 11 -3.40 -2.44 13.39
CA ARG A 11 -2.30 -2.33 12.41
C ARG A 11 -2.59 -3.31 11.27
N ARG A 12 -3.07 -4.47 11.59
CA ARG A 12 -3.38 -5.45 10.53
C ARG A 12 -4.55 -4.96 9.68
N ILE A 13 -5.60 -4.52 10.32
CA ILE A 13 -6.76 -4.04 9.53
C ILE A 13 -6.40 -2.73 8.83
N ALA A 14 -5.48 -1.99 9.36
CA ALA A 14 -5.10 -0.70 8.72
C ALA A 14 -4.10 -0.92 7.60
N VAL A 15 -3.43 -2.04 7.55
CA VAL A 15 -2.43 -2.26 6.47
C VAL A 15 -2.97 -1.78 5.11
N PRO A 16 -4.14 -2.24 4.74
CA PRO A 16 -4.72 -1.81 3.44
C PRO A 16 -5.10 -0.33 3.49
N VAL A 17 -5.66 0.11 4.58
CA VAL A 17 -6.05 1.54 4.67
C VAL A 17 -4.79 2.41 4.58
N VAL A 18 -3.73 2.00 5.20
CA VAL A 18 -2.48 2.80 5.14
C VAL A 18 -1.98 2.83 3.70
N SER A 19 -1.88 1.70 3.07
CA SER A 19 -1.39 1.69 1.68
C SER A 19 -2.25 2.56 0.77
N THR A 20 -3.49 2.77 1.11
CA THR A 20 -4.35 3.60 0.22
C THR A 20 -4.53 5.02 0.78
N LEU A 21 -4.39 5.22 2.05
CA LEU A 21 -4.59 6.60 2.60
C LEU A 21 -3.26 7.18 3.07
N PHE A 22 -2.34 6.37 3.49
CA PHE A 22 -1.05 6.90 3.95
C PHE A 22 -0.12 7.06 2.75
N PRO A 23 0.22 8.27 2.49
CA PRO A 23 1.13 8.60 1.37
C PRO A 23 2.50 7.94 1.50
N PRO A 24 2.97 7.67 2.70
CA PRO A 24 4.28 7.03 2.84
C PRO A 24 4.16 5.51 2.69
N ALA A 25 2.96 4.99 2.66
CA ALA A 25 2.79 3.52 2.52
C ALA A 25 2.38 3.16 1.09
N ALA A 26 1.53 3.95 0.51
CA ALA A 26 1.07 3.66 -0.88
C ALA A 26 2.26 3.34 -1.80
N PRO A 27 3.26 4.19 -1.78
CA PRO A 27 4.44 3.95 -2.65
C PRO A 27 5.19 2.72 -2.16
N LEU A 28 5.14 2.44 -0.90
CA LEU A 28 5.84 1.23 -0.41
C LEU A 28 5.06 0.02 -0.90
N ALA A 29 3.77 0.05 -0.77
CA ALA A 29 2.96 -1.09 -1.27
C ALA A 29 3.28 -1.23 -2.76
N HIS A 30 3.49 -0.12 -3.40
CA HIS A 30 3.84 -0.14 -4.83
C HIS A 30 5.05 -1.02 -5.04
N ALA A 31 6.09 -0.79 -4.29
CA ALA A 31 7.30 -1.63 -4.44
C ALA A 31 7.00 -3.04 -3.96
N ILE A 32 6.25 -3.17 -2.91
CA ILE A 32 5.92 -4.52 -2.39
C ILE A 32 5.18 -5.32 -3.47
N GLY A 33 4.44 -4.66 -4.31
CA GLY A 33 3.70 -5.40 -5.36
C GLY A 33 4.35 -5.15 -6.72
N GLU A 34 5.66 -5.01 -6.74
CA GLU A 34 6.38 -4.76 -8.02
C GLU A 34 5.62 -3.75 -8.88
N GLY A 35 5.06 -2.74 -8.29
CA GLY A 35 4.32 -1.74 -9.12
C GLY A 35 5.29 -1.09 -10.09
N VAL A 36 6.38 -0.57 -9.58
CA VAL A 36 7.36 0.07 -10.49
C VAL A 36 7.85 -0.97 -11.49
N ASP A 37 8.11 -2.16 -11.02
CA ASP A 37 8.58 -3.23 -11.94
C ASP A 37 7.53 -3.46 -13.02
N TYR A 38 6.30 -3.56 -12.62
CA TYR A 38 5.22 -3.77 -13.63
C TYR A 38 5.18 -2.58 -14.58
N LEU A 39 5.31 -1.40 -14.05
CA LEU A 39 5.29 -0.20 -14.92
C LEU A 39 6.50 -0.22 -15.84
N LEU A 40 7.60 -0.75 -15.37
CA LEU A 40 8.81 -0.81 -16.23
C LEU A 40 8.54 -1.71 -17.43
N GLY A 41 7.78 -2.75 -17.24
CA GLY A 41 7.49 -3.66 -18.37
C GLY A 41 8.17 -5.00 -18.11
N ASP A 42 7.43 -5.94 -17.60
CA ASP A 42 8.03 -7.28 -17.32
C ASP A 42 8.19 -8.06 -18.61
N GLU A 43 8.93 -7.53 -19.55
CA GLU A 43 9.11 -8.25 -20.83
C GLU A 43 10.60 -8.31 -21.18
N ALA A 44 10.92 -8.61 -22.40
CA ALA A 44 12.34 -8.67 -22.81
C ALA A 44 12.48 -8.21 -24.25
N GLN A 45 13.67 -8.08 -24.74
CA GLN A 45 13.85 -7.65 -26.15
C GLN A 45 14.40 -8.81 -26.97
N ALA A 46 15.31 -9.54 -26.41
CA ALA A 46 15.89 -10.70 -27.14
C ALA A 46 16.52 -11.62 -26.11
N PHE A 1 -4.41 -2.46 30.80
CA PHE A 1 -3.70 -2.79 29.53
C PHE A 1 -4.73 -3.27 28.52
N GLY A 2 -4.30 -3.80 27.41
CA GLY A 2 -5.28 -4.29 26.40
C GLY A 2 -5.11 -3.45 25.12
N PHE A 3 -5.20 -2.16 25.24
CA PHE A 3 -5.06 -1.28 24.04
C PHE A 3 -3.90 -1.76 23.16
N LYS A 4 -2.80 -2.09 23.76
CA LYS A 4 -1.62 -2.55 22.97
C LYS A 4 -2.04 -3.63 21.97
N ASP A 5 -2.84 -4.57 22.39
CA ASP A 5 -3.27 -5.63 21.45
C ASP A 5 -4.21 -5.03 20.42
N ILE A 6 -5.05 -4.14 20.84
CA ILE A 6 -5.97 -3.48 19.87
C ILE A 6 -5.13 -2.77 18.83
N ILE A 7 -4.10 -2.07 19.25
CA ILE A 7 -3.24 -1.39 18.26
C ILE A 7 -2.66 -2.44 17.32
N ARG A 8 -2.32 -3.58 17.86
CA ARG A 8 -1.79 -4.66 17.00
C ARG A 8 -2.84 -5.01 15.95
N ALA A 9 -4.05 -5.19 16.37
CA ALA A 9 -5.12 -5.52 15.39
C ALA A 9 -5.28 -4.36 14.42
N ILE A 10 -5.25 -3.16 14.92
CA ILE A 10 -5.39 -1.99 14.03
C ILE A 10 -4.23 -1.96 13.04
N ARG A 11 -3.05 -2.27 13.48
CA ARG A 11 -1.91 -2.27 12.54
C ARG A 11 -2.18 -3.28 11.43
N ARG A 12 -2.90 -4.33 11.72
CA ARG A 12 -3.19 -5.34 10.68
C ARG A 12 -4.36 -4.87 9.83
N ILE A 13 -5.42 -4.43 10.45
CA ILE A 13 -6.58 -3.96 9.66
C ILE A 13 -6.22 -2.71 8.88
N ALA A 14 -5.30 -1.93 9.37
CA ALA A 14 -4.91 -0.69 8.65
C ALA A 14 -4.03 -1.00 7.46
N VAL A 15 -3.40 -2.14 7.42
CA VAL A 15 -2.50 -2.46 6.27
C VAL A 15 -3.10 -1.95 4.94
N PRO A 16 -4.28 -2.38 4.61
CA PRO A 16 -4.91 -1.91 3.35
C PRO A 16 -5.25 -0.42 3.44
N VAL A 17 -5.70 0.02 4.58
CA VAL A 17 -6.04 1.46 4.71
C VAL A 17 -4.77 2.29 4.48
N VAL A 18 -3.65 1.80 4.93
CA VAL A 18 -2.39 2.54 4.75
C VAL A 18 -2.13 2.74 3.25
N SER A 19 -2.14 1.68 2.50
CA SER A 19 -1.92 1.81 1.04
C SER A 19 -2.86 2.87 0.45
N THR A 20 -4.05 2.98 0.96
CA THR A 20 -5.00 3.97 0.40
C THR A 20 -4.87 5.33 1.12
N LEU A 21 -4.35 5.35 2.32
CA LEU A 21 -4.23 6.66 3.04
C LEU A 21 -2.78 6.95 3.40
N PHE A 22 -1.84 6.47 2.63
CA PHE A 22 -0.43 6.74 2.94
C PHE A 22 0.34 6.93 1.65
N PRO A 23 0.95 8.07 1.52
CA PRO A 23 1.73 8.39 0.30
C PRO A 23 2.91 7.43 0.07
N PRO A 24 3.47 6.85 1.10
CA PRO A 24 4.60 5.92 0.88
C PRO A 24 4.07 4.51 0.61
N ALA A 25 2.80 4.27 0.77
CA ALA A 25 2.27 2.90 0.53
C ALA A 25 1.43 2.86 -0.76
N ALA A 26 0.97 3.99 -1.22
CA ALA A 26 0.15 3.99 -2.46
C ALA A 26 0.97 4.23 -3.75
N PRO A 27 2.26 4.51 -3.65
CA PRO A 27 3.03 4.75 -4.90
C PRO A 27 3.26 3.41 -5.61
N LEU A 28 3.24 2.34 -4.89
CA LEU A 28 3.45 1.03 -5.54
C LEU A 28 2.30 0.77 -6.50
N ALA A 29 1.11 1.20 -6.13
CA ALA A 29 -0.04 1.00 -7.04
C ALA A 29 0.33 1.64 -8.38
N HIS A 30 1.01 2.74 -8.32
CA HIS A 30 1.45 3.41 -9.56
C HIS A 30 2.32 2.47 -10.36
N ALA A 31 3.28 1.86 -9.72
CA ALA A 31 4.19 0.92 -10.42
C ALA A 31 3.41 -0.24 -11.03
N ILE A 32 2.28 -0.57 -10.48
CA ILE A 32 1.48 -1.68 -11.05
C ILE A 32 1.01 -1.34 -12.46
N GLY A 33 1.10 -0.09 -12.85
CA GLY A 33 0.65 0.27 -14.21
C GLY A 33 -0.49 1.27 -14.08
N GLU A 34 -1.17 1.28 -12.97
CA GLU A 34 -2.28 2.24 -12.80
C GLU A 34 -1.78 3.66 -13.11
N GLY A 35 -0.64 3.99 -12.62
CA GLY A 35 -0.10 5.35 -12.89
C GLY A 35 0.15 5.48 -14.39
N VAL A 36 0.71 4.47 -15.00
CA VAL A 36 0.95 4.55 -16.46
C VAL A 36 -0.39 4.67 -17.18
N ASP A 37 -1.35 3.91 -16.75
CA ASP A 37 -2.68 4.00 -17.40
C ASP A 37 -3.27 5.38 -17.18
N TYR A 38 -3.12 5.91 -16.01
CA TYR A 38 -3.68 7.25 -15.73
C TYR A 38 -2.96 8.30 -16.58
N LEU A 39 -1.69 8.10 -16.83
CA LEU A 39 -0.95 9.10 -17.63
C LEU A 39 -1.07 8.79 -19.12
N LEU A 40 -1.30 7.55 -19.47
CA LEU A 40 -1.41 7.20 -20.91
C LEU A 40 -2.64 6.35 -21.15
N GLY A 41 -2.67 5.19 -20.58
CA GLY A 41 -3.84 4.29 -20.77
C GLY A 41 -3.33 2.91 -21.15
N ASP A 42 -3.56 1.93 -20.33
CA ASP A 42 -3.08 0.56 -20.63
C ASP A 42 -4.27 -0.35 -20.91
N GLU A 43 -5.26 0.16 -21.57
CA GLU A 43 -6.45 -0.66 -21.87
C GLU A 43 -6.13 -1.63 -23.01
N ALA A 44 -5.24 -2.55 -22.78
CA ALA A 44 -4.88 -3.53 -23.84
C ALA A 44 -6.06 -4.46 -24.10
N GLN A 45 -6.89 -4.15 -25.04
CA GLN A 45 -8.04 -5.04 -25.33
C GLN A 45 -7.86 -5.68 -26.70
N ALA A 46 -6.65 -5.85 -27.12
CA ALA A 46 -6.39 -6.48 -28.44
C ALA A 46 -4.91 -6.75 -28.57
N PHE A 1 -1.31 -4.94 26.02
CA PHE A 1 -2.48 -4.11 26.41
C PHE A 1 -2.10 -2.64 26.26
N GLY A 2 -2.89 -1.74 26.76
CA GLY A 2 -2.56 -0.30 26.64
C GLY A 2 -2.65 0.11 25.17
N PHE A 3 -3.81 -0.05 24.59
CA PHE A 3 -4.03 0.35 23.15
C PHE A 3 -3.22 -0.54 22.20
N LYS A 4 -1.96 -0.71 22.44
CA LYS A 4 -1.10 -1.55 21.54
C LYS A 4 -1.84 -2.82 21.13
N ASP A 5 -2.55 -3.42 22.04
CA ASP A 5 -3.28 -4.67 21.68
C ASP A 5 -4.20 -4.40 20.50
N ILE A 6 -4.95 -3.34 20.58
CA ILE A 6 -5.86 -3.01 19.46
C ILE A 6 -5.04 -2.43 18.30
N ILE A 7 -4.01 -1.70 18.61
CA ILE A 7 -3.19 -1.12 17.52
C ILE A 7 -2.66 -2.25 16.65
N ARG A 8 -2.20 -3.31 17.24
CA ARG A 8 -1.68 -4.43 16.41
C ARG A 8 -2.84 -5.04 15.63
N ALA A 9 -3.96 -5.20 16.26
CA ALA A 9 -5.12 -5.77 15.54
C ALA A 9 -5.47 -4.88 14.37
N ILE A 10 -5.52 -3.61 14.60
CA ILE A 10 -5.85 -2.67 13.49
C ILE A 10 -4.67 -2.60 12.54
N ARG A 11 -3.48 -2.77 13.03
CA ARG A 11 -2.31 -2.72 12.12
C ARG A 11 -2.50 -3.74 11.00
N ARG A 12 -3.09 -4.86 11.30
CA ARG A 12 -3.28 -5.88 10.25
C ARG A 12 -4.55 -5.58 9.44
N ILE A 13 -5.63 -5.31 10.09
CA ILE A 13 -6.88 -5.02 9.33
C ILE A 13 -6.74 -3.70 8.57
N ALA A 14 -5.93 -2.81 9.05
CA ALA A 14 -5.75 -1.53 8.34
C ALA A 14 -4.63 -1.62 7.32
N VAL A 15 -4.02 -2.77 7.16
CA VAL A 15 -2.91 -2.88 6.16
C VAL A 15 -3.31 -2.15 4.86
N PRO A 16 -4.48 -2.46 4.35
CA PRO A 16 -4.91 -1.81 3.10
C PRO A 16 -5.24 -0.34 3.35
N VAL A 17 -5.85 -0.05 4.45
CA VAL A 17 -6.17 1.38 4.75
C VAL A 17 -4.86 2.17 4.86
N VAL A 18 -3.90 1.64 5.54
CA VAL A 18 -2.61 2.35 5.67
C VAL A 18 -2.02 2.60 4.28
N SER A 19 -1.97 1.60 3.47
CA SER A 19 -1.41 1.79 2.10
C SER A 19 -2.18 2.88 1.35
N THR A 20 -3.41 3.11 1.69
CA THR A 20 -4.17 4.15 0.96
C THR A 20 -4.33 5.44 1.80
N LEU A 21 -4.08 5.38 3.08
CA LEU A 21 -4.25 6.61 3.91
C LEU A 21 -2.89 7.14 4.36
N PHE A 22 -1.91 6.30 4.49
CA PHE A 22 -0.58 6.80 4.93
C PHE A 22 0.20 7.32 3.74
N PRO A 23 0.40 8.60 3.75
CA PRO A 23 1.15 9.27 2.66
C PRO A 23 2.61 8.78 2.56
N PRO A 24 3.21 8.31 3.63
CA PRO A 24 4.60 7.83 3.54
C PRO A 24 4.64 6.40 2.99
N ALA A 25 3.52 5.72 2.98
CA ALA A 25 3.53 4.31 2.47
C ALA A 25 2.83 4.23 1.12
N ALA A 26 2.02 5.19 0.78
CA ALA A 26 1.33 5.13 -0.53
C ALA A 26 2.05 5.93 -1.64
N PRO A 27 3.20 6.51 -1.38
CA PRO A 27 3.88 7.27 -2.45
C PRO A 27 4.52 6.28 -3.43
N LEU A 28 4.85 5.11 -2.96
CA LEU A 28 5.47 4.13 -3.88
C LEU A 28 4.43 3.72 -4.92
N ALA A 29 3.16 3.78 -4.59
CA ALA A 29 2.13 3.44 -5.60
C ALA A 29 2.20 4.49 -6.68
N HIS A 30 2.52 5.70 -6.30
CA HIS A 30 2.64 6.80 -7.28
C HIS A 30 3.69 6.41 -8.31
N ALA A 31 4.88 6.12 -7.85
CA ALA A 31 5.96 5.73 -8.79
C ALA A 31 5.45 4.69 -9.78
N ILE A 32 4.71 3.74 -9.30
CA ILE A 32 4.17 2.71 -10.23
C ILE A 32 3.26 3.39 -11.24
N GLY A 33 2.43 4.27 -10.77
CA GLY A 33 1.52 5.00 -11.69
C GLY A 33 2.35 5.88 -12.62
N GLU A 34 3.37 6.50 -12.09
CA GLU A 34 4.23 7.37 -12.94
C GLU A 34 4.78 6.58 -14.12
N GLY A 35 4.87 5.29 -14.00
CA GLY A 35 5.41 4.49 -15.14
C GLY A 35 4.59 4.79 -16.39
N VAL A 36 3.29 4.78 -16.28
CA VAL A 36 2.46 5.08 -17.49
C VAL A 36 2.67 6.52 -17.89
N ASP A 37 2.73 7.39 -16.92
CA ASP A 37 2.95 8.83 -17.24
C ASP A 37 4.27 8.98 -17.96
N TYR A 38 5.25 8.24 -17.54
CA TYR A 38 6.58 8.33 -18.21
C TYR A 38 6.39 8.07 -19.69
N LEU A 39 5.83 6.96 -20.04
CA LEU A 39 5.61 6.65 -21.48
C LEU A 39 4.79 7.77 -22.11
N LEU A 40 3.84 8.29 -21.39
CA LEU A 40 3.01 9.38 -21.94
C LEU A 40 3.88 10.61 -22.21
N GLY A 41 4.96 10.75 -21.52
CA GLY A 41 5.84 11.92 -21.75
C GLY A 41 6.68 11.69 -23.00
N ASP A 42 6.04 11.45 -24.11
CA ASP A 42 6.77 11.21 -25.38
C ASP A 42 7.80 10.10 -25.21
N GLU A 43 7.56 9.16 -24.35
CA GLU A 43 8.54 8.06 -24.16
C GLU A 43 7.88 6.74 -24.53
N ALA A 44 7.29 6.68 -25.69
CA ALA A 44 6.62 5.41 -26.11
C ALA A 44 6.86 5.20 -27.59
N GLN A 45 6.42 4.09 -28.12
CA GLN A 45 6.62 3.84 -29.57
C GLN A 45 5.34 3.22 -30.15
N ALA A 46 4.21 3.55 -29.59
CA ALA A 46 2.93 3.00 -30.08
C ALA A 46 1.80 3.73 -29.37
N PHE A 1 -7.97 -2.40 30.49
CA PHE A 1 -7.99 -2.05 29.05
C PHE A 1 -7.03 -2.97 28.31
N GLY A 2 -7.19 -3.12 27.03
CA GLY A 2 -6.27 -4.02 26.27
C GLY A 2 -5.82 -3.27 25.02
N PHE A 3 -5.53 -2.01 25.15
CA PHE A 3 -5.10 -1.21 23.98
C PHE A 3 -3.97 -1.92 23.23
N LYS A 4 -3.02 -2.45 23.95
CA LYS A 4 -1.88 -3.15 23.29
C LYS A 4 -2.42 -4.13 22.24
N ASP A 5 -3.38 -4.94 22.59
CA ASP A 5 -3.90 -5.90 21.58
C ASP A 5 -4.62 -5.13 20.49
N ILE A 6 -5.32 -4.10 20.87
CA ILE A 6 -6.03 -3.29 19.84
C ILE A 6 -4.99 -2.76 18.86
N ILE A 7 -3.83 -2.39 19.34
CA ILE A 7 -2.78 -1.88 18.42
C ILE A 7 -2.41 -3.00 17.44
N ARG A 8 -2.31 -4.20 17.92
CA ARG A 8 -1.98 -5.33 17.02
C ARG A 8 -3.03 -5.42 15.93
N ALA A 9 -4.28 -5.38 16.31
CA ALA A 9 -5.36 -5.45 15.30
C ALA A 9 -5.30 -4.22 14.42
N ILE A 10 -5.06 -3.08 15.01
CA ILE A 10 -4.98 -1.84 14.21
C ILE A 10 -3.83 -1.95 13.21
N ARG A 11 -2.73 -2.50 13.64
CA ARG A 11 -1.58 -2.64 12.71
C ARG A 11 -1.99 -3.47 11.50
N ARG A 12 -2.80 -4.47 11.71
CA ARG A 12 -3.22 -5.32 10.57
C ARG A 12 -4.33 -4.63 9.79
N ILE A 13 -5.28 -4.06 10.47
CA ILE A 13 -6.39 -3.39 9.76
C ILE A 13 -5.88 -2.11 9.08
N ALA A 14 -4.82 -1.55 9.58
CA ALA A 14 -4.28 -0.30 8.97
C ALA A 14 -3.50 -0.62 7.70
N VAL A 15 -2.95 -1.79 7.58
CA VAL A 15 -2.16 -2.10 6.37
C VAL A 15 -2.92 -1.66 5.10
N PRO A 16 -4.15 -2.10 4.95
CA PRO A 16 -4.92 -1.71 3.75
C PRO A 16 -5.26 -0.22 3.79
N VAL A 17 -5.69 0.28 4.91
CA VAL A 17 -6.03 1.73 4.96
C VAL A 17 -4.79 2.55 4.60
N VAL A 18 -3.67 2.22 5.16
CA VAL A 18 -2.44 2.97 4.84
C VAL A 18 -2.14 2.85 3.35
N SER A 19 -2.19 1.66 2.83
CA SER A 19 -1.91 1.48 1.38
C SER A 19 -2.89 2.30 0.53
N THR A 20 -4.01 2.68 1.08
CA THR A 20 -4.97 3.47 0.27
C THR A 20 -5.00 4.93 0.73
N LEU A 21 -4.52 5.22 1.91
CA LEU A 21 -4.55 6.63 2.39
C LEU A 21 -3.15 7.25 2.36
N PHE A 22 -2.12 6.46 2.20
CA PHE A 22 -0.76 7.05 2.19
C PHE A 22 -0.36 7.40 0.75
N PRO A 23 -0.37 8.67 0.47
CA PRO A 23 0.01 9.15 -0.87
C PRO A 23 1.47 8.81 -1.24
N PRO A 24 2.35 8.66 -0.28
CA PRO A 24 3.74 8.33 -0.60
C PRO A 24 3.92 6.82 -0.73
N ALA A 25 2.87 6.08 -0.94
CA ALA A 25 3.00 4.61 -1.05
C ALA A 25 1.87 4.03 -1.88
N ALA A 26 0.66 4.42 -1.60
CA ALA A 26 -0.51 3.88 -2.37
C ALA A 26 -0.26 3.96 -3.87
N PRO A 27 0.05 5.12 -4.36
CA PRO A 27 0.29 5.27 -5.81
C PRO A 27 1.58 4.57 -6.21
N LEU A 28 2.52 4.48 -5.32
CA LEU A 28 3.78 3.79 -5.67
C LEU A 28 3.51 2.30 -5.77
N ALA A 29 2.79 1.76 -4.81
CA ALA A 29 2.45 0.32 -4.89
C ALA A 29 1.73 0.11 -6.22
N HIS A 30 0.93 1.06 -6.57
CA HIS A 30 0.19 0.99 -7.85
C HIS A 30 1.19 0.82 -8.99
N ALA A 31 2.18 1.65 -9.02
CA ALA A 31 3.18 1.56 -10.11
C ALA A 31 3.88 0.21 -10.06
N ILE A 32 4.15 -0.30 -8.90
CA ILE A 32 4.83 -1.61 -8.80
C ILE A 32 3.84 -2.73 -9.10
N GLY A 33 2.62 -2.59 -8.70
CA GLY A 33 1.64 -3.67 -8.97
C GLY A 33 1.59 -3.92 -10.47
N GLU A 34 1.38 -2.89 -11.23
CA GLU A 34 1.33 -3.05 -12.71
C GLU A 34 1.33 -1.68 -13.39
N GLY A 35 1.84 -0.68 -12.74
CA GLY A 35 1.85 0.65 -13.39
C GLY A 35 3.04 0.73 -14.33
N VAL A 36 4.21 0.51 -13.84
CA VAL A 36 5.39 0.56 -14.72
C VAL A 36 5.20 -0.40 -15.89
N ASP A 37 4.64 -1.54 -15.64
CA ASP A 37 4.40 -2.49 -16.76
C ASP A 37 3.48 -1.84 -17.78
N TYR A 38 2.43 -1.26 -17.31
CA TYR A 38 1.49 -0.59 -18.25
C TYR A 38 2.21 0.50 -19.03
N LEU A 39 2.90 1.35 -18.35
CA LEU A 39 3.60 2.45 -19.04
C LEU A 39 4.85 1.96 -19.74
N LEU A 40 5.30 0.76 -19.46
CA LEU A 40 6.50 0.25 -20.15
C LEU A 40 6.18 0.05 -21.62
N GLY A 41 5.04 -0.50 -21.91
CA GLY A 41 4.66 -0.71 -23.32
C GLY A 41 3.49 -1.67 -23.38
N ASP A 42 2.45 -1.40 -22.64
CA ASP A 42 1.28 -2.32 -22.65
C ASP A 42 0.07 -1.58 -23.23
N GLU A 43 0.29 -0.71 -24.16
CA GLU A 43 -0.85 0.03 -24.76
C GLU A 43 -1.57 -0.88 -25.76
N ALA A 44 -1.98 -2.04 -25.33
CA ALA A 44 -2.68 -2.96 -26.27
C ALA A 44 -4.09 -3.20 -25.74
N GLN A 45 -4.22 -3.50 -24.49
CA GLN A 45 -5.56 -3.74 -23.90
C GLN A 45 -5.62 -3.13 -22.51
N ALA A 46 -5.01 -1.99 -22.33
CA ALA A 46 -5.03 -1.34 -21.00
C ALA A 46 -4.91 0.16 -21.20
N PHE A 1 -6.87 -7.13 25.21
CA PHE A 1 -7.58 -5.91 25.68
C PHE A 1 -6.56 -4.98 26.33
N GLY A 2 -6.83 -3.71 26.35
CA GLY A 2 -5.87 -2.76 26.95
C GLY A 2 -5.59 -1.66 25.94
N PHE A 3 -4.72 -1.92 25.02
CA PHE A 3 -4.41 -0.90 23.98
C PHE A 3 -3.47 -1.50 22.94
N LYS A 4 -2.31 -1.92 23.35
CA LYS A 4 -1.35 -2.51 22.38
C LYS A 4 -2.04 -3.61 21.58
N ASP A 5 -2.80 -4.44 22.24
CA ASP A 5 -3.51 -5.53 21.51
C ASP A 5 -4.45 -4.94 20.47
N ILE A 6 -4.97 -3.78 20.73
CA ILE A 6 -5.87 -3.15 19.73
C ILE A 6 -5.00 -2.49 18.66
N ILE A 7 -3.92 -1.89 19.08
CA ILE A 7 -3.03 -1.23 18.10
C ILE A 7 -2.54 -2.27 17.09
N ARG A 8 -2.10 -3.41 17.56
CA ARG A 8 -1.64 -4.44 16.60
C ARG A 8 -2.82 -4.93 15.78
N ALA A 9 -3.98 -5.00 16.39
CA ALA A 9 -5.18 -5.45 15.63
C ALA A 9 -5.46 -4.46 14.52
N ILE A 10 -5.47 -3.19 14.85
CA ILE A 10 -5.74 -2.17 13.82
C ILE A 10 -4.55 -2.14 12.87
N ARG A 11 -3.37 -2.39 13.35
CA ARG A 11 -2.19 -2.39 12.46
C ARG A 11 -2.37 -3.43 11.37
N ARG A 12 -2.94 -4.55 11.69
CA ARG A 12 -3.12 -5.61 10.66
C ARG A 12 -4.37 -5.34 9.84
N ILE A 13 -5.42 -4.85 10.43
CA ILE A 13 -6.65 -4.61 9.65
C ILE A 13 -6.47 -3.33 8.81
N ALA A 14 -5.72 -2.40 9.30
CA ALA A 14 -5.53 -1.15 8.53
C ALA A 14 -4.37 -1.29 7.54
N VAL A 15 -3.70 -2.40 7.50
CA VAL A 15 -2.57 -2.55 6.55
C VAL A 15 -2.95 -1.99 5.17
N PRO A 16 -4.06 -2.43 4.62
CA PRO A 16 -4.49 -1.95 3.28
C PRO A 16 -5.02 -0.53 3.38
N VAL A 17 -5.70 -0.19 4.44
CA VAL A 17 -6.23 1.18 4.57
C VAL A 17 -5.04 2.15 4.62
N VAL A 18 -4.01 1.78 5.32
CA VAL A 18 -2.82 2.65 5.41
C VAL A 18 -2.28 2.90 4.01
N SER A 19 -2.20 1.89 3.21
CA SER A 19 -1.69 2.09 1.83
C SER A 19 -2.50 3.19 1.15
N THR A 20 -3.79 3.12 1.20
CA THR A 20 -4.62 4.16 0.56
C THR A 20 -4.44 5.50 1.27
N LEU A 21 -4.27 5.48 2.55
CA LEU A 21 -4.09 6.76 3.29
C LEU A 21 -2.67 7.30 3.10
N PHE A 22 -1.74 6.45 2.80
CA PHE A 22 -0.35 6.91 2.62
C PHE A 22 -0.05 7.11 1.14
N PRO A 23 0.03 8.34 0.75
CA PRO A 23 0.34 8.66 -0.66
C PRO A 23 1.72 8.12 -1.09
N PRO A 24 2.66 7.95 -0.18
CA PRO A 24 3.97 7.43 -0.59
C PRO A 24 3.94 5.89 -0.59
N ALA A 25 2.84 5.29 -0.26
CA ALA A 25 2.79 3.80 -0.24
C ALA A 25 1.60 3.28 -1.05
N ALA A 26 1.05 4.08 -1.91
CA ALA A 26 -0.11 3.60 -2.72
C ALA A 26 0.12 3.92 -4.19
N PRO A 27 0.07 5.18 -4.54
CA PRO A 27 0.30 5.55 -5.96
C PRO A 27 1.75 5.28 -6.33
N LEU A 28 2.64 5.31 -5.37
CA LEU A 28 4.05 5.03 -5.71
C LEU A 28 4.19 3.57 -6.14
N ALA A 29 3.43 2.70 -5.53
CA ALA A 29 3.50 1.27 -5.95
C ALA A 29 3.19 1.24 -7.44
N HIS A 30 2.34 2.13 -7.88
CA HIS A 30 2.00 2.19 -9.33
C HIS A 30 3.23 2.60 -10.11
N ALA A 31 3.96 3.55 -9.61
CA ALA A 31 5.18 4.01 -10.32
C ALA A 31 6.20 2.89 -10.41
N ILE A 32 6.17 1.97 -9.49
CA ILE A 32 7.16 0.84 -9.55
C ILE A 32 7.10 0.21 -10.94
N GLY A 33 5.95 0.16 -11.54
CA GLY A 33 5.84 -0.43 -12.89
C GLY A 33 5.29 0.62 -13.84
N GLU A 34 5.52 1.88 -13.53
CA GLU A 34 5.01 2.99 -14.40
C GLU A 34 3.64 2.66 -14.97
N GLY A 35 2.75 2.15 -14.17
CA GLY A 35 1.40 1.84 -14.69
C GLY A 35 0.77 3.13 -15.18
N VAL A 36 0.81 4.16 -14.37
CA VAL A 36 0.21 5.44 -14.80
C VAL A 36 0.91 5.93 -16.06
N ASP A 37 2.21 5.84 -16.11
CA ASP A 37 2.93 6.30 -17.33
C ASP A 37 2.52 5.44 -18.50
N TYR A 38 2.33 4.17 -18.28
CA TYR A 38 1.91 3.29 -19.39
C TYR A 38 0.67 3.87 -20.04
N LEU A 39 -0.27 4.31 -19.24
CA LEU A 39 -1.50 4.90 -19.82
C LEU A 39 -1.17 6.27 -20.39
N LEU A 40 -0.31 7.00 -19.75
CA LEU A 40 0.06 8.34 -20.27
C LEU A 40 0.88 8.19 -21.54
N GLY A 41 1.47 7.05 -21.76
CA GLY A 41 2.29 6.86 -22.97
C GLY A 41 3.56 7.71 -22.83
N ASP A 42 4.27 7.53 -21.75
CA ASP A 42 5.52 8.31 -21.51
C ASP A 42 5.23 9.79 -21.74
N GLU A 43 4.09 10.24 -21.31
CA GLU A 43 3.71 11.66 -21.47
C GLU A 43 3.95 12.12 -22.92
N ALA A 44 3.79 11.24 -23.86
CA ALA A 44 4.01 11.64 -25.28
C ALA A 44 2.83 12.48 -25.76
N GLN A 45 2.68 13.66 -25.22
CA GLN A 45 1.56 14.52 -25.65
C GLN A 45 2.06 15.55 -26.65
N ALA A 46 1.18 16.28 -27.24
CA ALA A 46 1.59 17.31 -28.22
C ALA A 46 0.46 18.33 -28.35
N PHE A 1 -2.98 -9.37 24.92
CA PHE A 1 -2.71 -8.20 25.78
C PHE A 1 -3.94 -7.32 25.83
N GLY A 2 -3.81 -6.09 26.28
CA GLY A 2 -4.98 -5.19 26.33
C GLY A 2 -4.88 -4.21 25.17
N PHE A 3 -4.67 -2.95 25.46
CA PHE A 3 -4.57 -1.94 24.36
C PHE A 3 -3.55 -2.40 23.33
N LYS A 4 -2.44 -2.94 23.76
CA LYS A 4 -1.42 -3.39 22.78
C LYS A 4 -2.05 -4.31 21.73
N ASP A 5 -2.98 -5.13 22.15
CA ASP A 5 -3.64 -6.04 21.17
C ASP A 5 -4.50 -5.22 20.25
N ILE A 6 -5.21 -4.27 20.80
CA ILE A 6 -6.07 -3.42 19.95
C ILE A 6 -5.17 -2.68 18.96
N ILE A 7 -4.09 -2.13 19.43
CA ILE A 7 -3.17 -1.44 18.51
C ILE A 7 -2.69 -2.44 17.47
N ARG A 8 -2.42 -3.64 17.89
CA ARG A 8 -1.98 -4.67 16.92
C ARG A 8 -3.08 -4.87 15.90
N ALA A 9 -4.29 -5.03 16.35
CA ALA A 9 -5.42 -5.22 15.39
C ALA A 9 -5.51 -4.00 14.48
N ILE A 10 -5.41 -2.84 15.04
CA ILE A 10 -5.51 -1.62 14.22
C ILE A 10 -4.33 -1.58 13.24
N ARG A 11 -3.17 -1.94 13.67
CA ARG A 11 -2.02 -1.91 12.74
C ARG A 11 -2.27 -2.90 11.61
N ARG A 12 -2.79 -4.04 11.94
CA ARG A 12 -3.05 -5.05 10.88
C ARG A 12 -4.22 -4.59 10.00
N ILE A 13 -5.26 -4.09 10.59
CA ILE A 13 -6.42 -3.64 9.78
C ILE A 13 -6.04 -2.36 9.02
N ALA A 14 -5.10 -1.61 9.51
CA ALA A 14 -4.72 -0.36 8.81
C ALA A 14 -3.79 -0.66 7.64
N VAL A 15 -3.13 -1.79 7.64
CA VAL A 15 -2.20 -2.10 6.52
C VAL A 15 -2.85 -1.73 5.16
N PRO A 16 -4.03 -2.22 4.91
CA PRO A 16 -4.70 -1.92 3.62
C PRO A 16 -5.09 -0.44 3.58
N VAL A 17 -5.57 0.09 4.66
CA VAL A 17 -5.96 1.53 4.67
C VAL A 17 -4.73 2.39 4.39
N VAL A 18 -3.64 2.06 4.99
CA VAL A 18 -2.40 2.84 4.76
C VAL A 18 -2.03 2.78 3.28
N SER A 19 -1.98 1.61 2.72
CA SER A 19 -1.61 1.51 1.29
C SER A 19 -2.57 2.30 0.40
N THR A 20 -3.78 2.51 0.83
CA THR A 20 -4.73 3.26 -0.03
C THR A 20 -4.87 4.72 0.41
N LEU A 21 -4.45 5.07 1.60
CA LEU A 21 -4.60 6.48 2.04
C LEU A 21 -3.25 7.09 2.42
N PHE A 22 -2.38 6.32 2.99
CA PHE A 22 -1.06 6.87 3.38
C PHE A 22 -0.25 7.17 2.14
N PRO A 23 0.06 8.40 1.99
CA PRO A 23 0.87 8.87 0.84
C PRO A 23 2.29 8.26 0.83
N PRO A 24 2.85 7.90 1.96
CA PRO A 24 4.20 7.32 1.94
C PRO A 24 4.12 5.81 1.64
N ALA A 25 3.46 5.43 0.58
CA ALA A 25 3.35 3.98 0.26
C ALA A 25 2.61 3.77 -1.07
N ALA A 26 1.38 4.16 -1.10
CA ALA A 26 0.55 3.97 -2.33
C ALA A 26 1.27 4.44 -3.61
N PRO A 27 1.85 5.61 -3.59
CA PRO A 27 2.54 6.12 -4.80
C PRO A 27 3.68 5.19 -5.23
N LEU A 28 4.16 4.34 -4.37
CA LEU A 28 5.25 3.43 -4.82
C LEU A 28 4.64 2.46 -5.83
N ALA A 29 3.46 1.98 -5.55
CA ALA A 29 2.78 1.08 -6.51
C ALA A 29 2.68 1.82 -7.84
N HIS A 30 2.52 3.11 -7.77
CA HIS A 30 2.44 3.92 -9.01
C HIS A 30 3.71 3.73 -9.82
N ALA A 31 4.84 3.82 -9.16
CA ALA A 31 6.13 3.63 -9.88
C ALA A 31 6.14 2.24 -10.51
N ILE A 32 5.45 1.31 -9.92
CA ILE A 32 5.42 -0.05 -10.49
C ILE A 32 4.12 -0.26 -11.26
N GLY A 33 3.61 0.78 -11.85
CA GLY A 33 2.34 0.65 -12.61
C GLY A 33 2.54 1.15 -14.03
N GLU A 34 3.74 1.14 -14.53
CA GLU A 34 3.97 1.60 -15.93
C GLU A 34 3.34 0.59 -16.87
N GLY A 35 3.51 -0.66 -16.60
CA GLY A 35 2.91 -1.69 -17.48
C GLY A 35 1.42 -1.41 -17.60
N VAL A 36 0.81 -0.97 -16.54
CA VAL A 36 -0.64 -0.66 -16.62
C VAL A 36 -0.81 0.52 -17.57
N ASP A 37 0.01 1.51 -17.42
CA ASP A 37 -0.06 2.69 -18.32
C ASP A 37 0.08 2.20 -19.76
N TYR A 38 1.04 1.37 -20.00
CA TYR A 38 1.24 0.85 -21.38
C TYR A 38 0.02 0.05 -21.79
N LEU A 39 -0.50 -0.74 -20.91
CA LEU A 39 -1.69 -1.55 -21.26
C LEU A 39 -2.88 -0.61 -21.52
N LEU A 40 -2.89 0.52 -20.87
CA LEU A 40 -4.02 1.47 -21.08
C LEU A 40 -3.87 2.14 -22.44
N GLY A 41 -2.67 2.30 -22.90
CA GLY A 41 -2.48 2.95 -24.22
C GLY A 41 -0.99 3.12 -24.48
N ASP A 42 -0.45 4.27 -24.21
CA ASP A 42 1.01 4.51 -24.44
C ASP A 42 1.38 4.07 -25.85
N GLU A 43 0.48 4.27 -26.79
CA GLU A 43 0.76 3.88 -28.19
C GLU A 43 -0.09 4.73 -29.12
N ALA A 44 -0.36 4.25 -30.31
CA ALA A 44 -1.20 5.04 -31.25
C ALA A 44 -2.53 5.37 -30.58
N GLN A 45 -2.70 6.57 -30.13
CA GLN A 45 -3.97 6.95 -29.46
C GLN A 45 -4.47 8.26 -30.03
N ALA A 46 -3.60 9.24 -30.14
CA ALA A 46 -4.00 10.55 -30.70
C ALA A 46 -2.81 11.15 -31.43
N PHE A 1 -2.36 2.71 28.04
CA PHE A 1 -1.54 1.53 27.68
C PHE A 1 -2.47 0.32 27.53
N GLY A 2 -1.96 -0.80 27.09
CA GLY A 2 -2.83 -1.99 26.94
C GLY A 2 -3.36 -2.04 25.51
N PHE A 3 -4.15 -1.07 25.14
CA PHE A 3 -4.72 -1.03 23.75
C PHE A 3 -3.64 -1.24 22.70
N LYS A 4 -2.42 -0.94 23.01
CA LYS A 4 -1.32 -1.12 22.00
C LYS A 4 -1.45 -2.46 21.28
N ASP A 5 -1.96 -3.47 21.93
CA ASP A 5 -2.11 -4.78 21.25
C ASP A 5 -3.24 -4.68 20.25
N ILE A 6 -4.32 -4.07 20.63
CA ILE A 6 -5.46 -3.91 19.69
C ILE A 6 -4.99 -3.02 18.55
N ILE A 7 -4.20 -2.02 18.85
CA ILE A 7 -3.71 -1.13 17.78
C ILE A 7 -3.01 -1.98 16.72
N ARG A 8 -2.26 -2.96 17.13
CA ARG A 8 -1.59 -3.82 16.13
C ARG A 8 -2.66 -4.50 15.29
N ALA A 9 -3.66 -5.04 15.93
CA ALA A 9 -4.74 -5.71 15.17
C ALA A 9 -5.37 -4.70 14.21
N ILE A 10 -5.63 -3.53 14.68
CA ILE A 10 -6.23 -2.50 13.79
C ILE A 10 -5.24 -2.19 12.69
N ARG A 11 -3.97 -2.16 13.00
CA ARG A 11 -2.98 -1.88 11.94
C ARG A 11 -2.99 -3.06 10.97
N ARG A 12 -3.17 -4.24 11.47
CA ARG A 12 -3.20 -5.42 10.57
C ARG A 12 -4.47 -5.42 9.74
N ILE A 13 -5.57 -5.01 10.30
CA ILE A 13 -6.82 -4.99 9.51
C ILE A 13 -6.81 -3.74 8.63
N ALA A 14 -6.21 -2.69 9.10
CA ALA A 14 -6.15 -1.46 8.29
C ALA A 14 -5.01 -1.55 7.29
N VAL A 15 -4.26 -2.63 7.29
CA VAL A 15 -3.12 -2.77 6.34
C VAL A 15 -3.47 -2.16 4.97
N PRO A 16 -4.59 -2.52 4.42
CA PRO A 16 -4.97 -1.97 3.10
C PRO A 16 -5.23 -0.47 3.21
N VAL A 17 -5.97 -0.05 4.20
CA VAL A 17 -6.25 1.40 4.37
C VAL A 17 -4.93 2.13 4.65
N VAL A 18 -4.01 1.49 5.30
CA VAL A 18 -2.72 2.16 5.58
C VAL A 18 -2.06 2.45 4.24
N SER A 19 -2.03 1.49 3.38
CA SER A 19 -1.41 1.71 2.04
C SER A 19 -2.14 2.84 1.31
N THR A 20 -3.38 3.07 1.60
CA THR A 20 -4.11 4.15 0.89
C THR A 20 -4.06 5.47 1.67
N LEU A 21 -3.94 5.42 2.96
CA LEU A 21 -3.91 6.68 3.75
C LEU A 21 -2.49 7.08 4.14
N PHE A 22 -1.64 6.14 4.39
CA PHE A 22 -0.25 6.48 4.77
C PHE A 22 0.55 6.78 3.53
N PRO A 23 0.98 8.00 3.43
CA PRO A 23 1.79 8.45 2.28
C PRO A 23 3.14 7.73 2.18
N PRO A 24 3.71 7.25 3.27
CA PRO A 24 5.01 6.57 3.17
C PRO A 24 4.81 5.14 2.66
N ALA A 25 3.87 4.43 3.22
CA ALA A 25 3.62 3.04 2.76
C ALA A 25 2.76 3.05 1.51
N ALA A 26 3.25 3.60 0.44
CA ALA A 26 2.45 3.64 -0.82
C ALA A 26 3.36 3.83 -2.02
N PRO A 27 4.06 4.94 -2.07
CA PRO A 27 4.96 5.21 -3.21
C PRO A 27 6.09 4.18 -3.24
N LEU A 28 6.43 3.61 -2.13
CA LEU A 28 7.51 2.60 -2.16
C LEU A 28 6.98 1.37 -2.88
N ALA A 29 5.82 0.92 -2.51
CA ALA A 29 5.24 -0.25 -3.22
C ALA A 29 5.08 0.17 -4.67
N HIS A 30 4.78 1.42 -4.87
CA HIS A 30 4.63 1.96 -6.24
C HIS A 30 5.90 1.68 -7.02
N ALA A 31 7.01 2.11 -6.50
CA ALA A 31 8.31 1.89 -7.22
C ALA A 31 8.43 0.43 -7.63
N ILE A 32 8.04 -0.46 -6.78
CA ILE A 32 8.13 -1.90 -7.14
C ILE A 32 7.30 -2.17 -8.39
N GLY A 33 6.16 -1.52 -8.50
CA GLY A 33 5.31 -1.74 -9.70
C GLY A 33 5.73 -0.77 -10.80
N GLU A 34 6.30 0.36 -10.45
CA GLU A 34 6.73 1.33 -11.48
C GLU A 34 7.77 0.74 -12.42
N GLY A 35 8.30 -0.42 -12.12
CA GLY A 35 9.32 -1.00 -13.03
C GLY A 35 8.76 -0.99 -14.47
N VAL A 36 7.58 -1.50 -14.66
CA VAL A 36 7.01 -1.50 -16.02
C VAL A 36 6.86 -0.05 -16.49
N ASP A 37 6.43 0.82 -15.64
CA ASP A 37 6.28 2.24 -16.04
C ASP A 37 7.64 2.78 -16.47
N TYR A 38 8.67 2.41 -15.76
CA TYR A 38 10.03 2.88 -16.13
C TYR A 38 10.30 2.52 -17.58
N LEU A 39 9.86 1.37 -18.01
CA LEU A 39 10.11 0.96 -19.41
C LEU A 39 8.96 1.44 -20.32
N LEU A 40 7.89 1.93 -19.76
CA LEU A 40 6.77 2.38 -20.61
C LEU A 40 6.71 3.90 -20.66
N GLY A 41 7.15 4.57 -19.62
CA GLY A 41 7.12 6.04 -19.62
C GLY A 41 8.28 6.58 -20.44
N ASP A 42 8.40 6.18 -21.66
CA ASP A 42 9.52 6.69 -22.50
C ASP A 42 9.10 8.01 -23.12
N GLU A 43 9.23 9.07 -22.40
CA GLU A 43 8.83 10.40 -22.96
C GLU A 43 9.90 10.92 -23.92
N ALA A 44 10.41 10.10 -24.79
CA ALA A 44 11.44 10.58 -25.73
C ALA A 44 10.78 11.39 -26.84
N GLN A 45 10.28 12.55 -26.53
CA GLN A 45 9.61 13.37 -27.58
C GLN A 45 10.31 14.71 -27.69
N ALA A 46 10.15 15.38 -28.79
CA ALA A 46 10.79 16.71 -28.97
C ALA A 46 10.12 17.42 -30.13
#